data_9UTE
#
_entry.id   9UTE
#
_cell.length_a   1.00
_cell.length_b   1.00
_cell.length_c   1.00
_cell.angle_alpha   90.00
_cell.angle_beta   90.00
_cell.angle_gamma   90.00
#
_symmetry.space_group_name_H-M   'P 1'
#
_entity_poly.entity_id   1
_entity_poly.type   'polypeptide(L)'
_entity_poly.pdbx_seq_one_letter_code
;MSEGVEAIVANDNGTDQVNGNRTGKDNEEHDGSTGSNLSNFLWHGGSVWDAWFSCASNQVAQVLLTLPYSFSQLGMLSGI
VLQIFYGLLGSWTAYLISVLYVEYRARKEKEGKSFKNHVIQWFEVLDGLLGSYWKALGLAFNCTFLLFGSVIQLIACASN
IYYINDHLDKRTWTYIFGACCATTVFIPSFHNYRIWSFLGLGMTTYTAWYLAIASIIHGQAEGVKHSGPTKLVLYFTGAT
NILYTFGGHAVTVEIMHAMWKPQKFKYIYLMATLYVFTLTIPSAAAVYWAFGDALLDHSNAFSLMPKNAWRDAAVILMLI
HQFITFGFACTPLYFVWEKVIGMHDTKSICLRALARLPVVIPIWFLAIIFPFFGPINSAVGALLVSFTVYIIPSLAHMLT
YRSASARQNAAEKPPFFMPSWTAMYVLNAFVVVWVLIVGFGFGGWASVTNFVRQVDTFGLFAKCYQCKPAAAAAHAPVSA
LHHRL
;
_entity_poly.pdbx_strand_id   A
#
# COMPACT_ATOMS: atom_id res chain seq x y z
N TRP A 43 -26.51 -8.31 -1.70
CA TRP A 43 -25.79 -7.10 -2.06
C TRP A 43 -24.77 -6.74 -1.00
N HIS A 44 -23.93 -7.71 -0.64
CA HIS A 44 -22.94 -7.52 0.41
C HIS A 44 -21.89 -6.51 -0.05
N GLY A 45 -21.81 -5.38 0.63
CA GLY A 45 -20.78 -4.41 0.34
C GLY A 45 -19.85 -4.17 1.51
N GLY A 46 -20.40 -4.24 2.73
CA GLY A 46 -19.60 -3.97 3.90
C GLY A 46 -18.52 -4.99 4.18
N SER A 47 -18.60 -6.16 3.54
CA SER A 47 -17.57 -7.17 3.73
C SER A 47 -16.31 -6.82 2.96
N VAL A 48 -16.42 -6.04 1.89
CA VAL A 48 -15.26 -5.61 1.12
C VAL A 48 -14.64 -4.35 1.70
N TRP A 49 -15.49 -3.47 2.27
CA TRP A 49 -14.98 -2.22 2.84
C TRP A 49 -14.01 -2.50 3.97
N ASP A 50 -14.23 -3.58 4.73
CA ASP A 50 -13.31 -3.91 5.81
C ASP A 50 -11.91 -4.22 5.28
N ALA A 51 -11.83 -5.07 4.25
CA ALA A 51 -10.53 -5.44 3.70
C ALA A 51 -9.85 -4.23 3.06
N TRP A 52 -10.61 -3.42 2.31
CA TRP A 52 -10.02 -2.25 1.68
C TRP A 52 -9.53 -1.25 2.72
N PHE A 53 -10.30 -1.05 3.79
CA PHE A 53 -9.89 -0.12 4.83
C PHE A 53 -8.65 -0.63 5.56
N SER A 54 -8.57 -1.93 5.81
CA SER A 54 -7.38 -2.49 6.42
C SER A 54 -6.15 -2.22 5.57
N CYS A 55 -6.25 -2.52 4.27
CA CYS A 55 -5.10 -2.31 3.39
C CYS A 55 -4.71 -0.83 3.31
N ALA A 56 -5.69 0.06 3.23
CA ALA A 56 -5.38 1.49 3.15
C ALA A 56 -4.72 1.97 4.43
N SER A 57 -5.26 1.57 5.59
CA SER A 57 -4.70 2.00 6.86
C SER A 57 -3.30 1.45 7.07
N ASN A 58 -2.98 0.32 6.42
CA ASN A 58 -1.61 -0.18 6.50
C ASN A 58 -0.69 0.62 5.60
N GLN A 59 -1.12 0.89 4.36
CA GLN A 59 -0.27 1.63 3.42
C GLN A 59 0.06 3.02 3.94
N VAL A 60 -0.91 3.70 4.55
CA VAL A 60 -0.69 5.05 5.04
C VAL A 60 0.44 5.07 6.06
N ALA A 61 0.38 4.19 7.06
CA ALA A 61 1.40 4.18 8.08
C ALA A 61 2.73 3.67 7.54
N GLN A 62 2.69 2.86 6.49
CA GLN A 62 3.94 2.41 5.89
C GLN A 62 4.66 3.54 5.16
N VAL A 63 3.90 4.45 4.54
CA VAL A 63 4.50 5.49 3.70
C VAL A 63 4.50 6.87 4.37
N LEU A 64 4.10 6.96 5.64
CA LEU A 64 3.95 8.29 6.26
C LEU A 64 5.29 9.01 6.42
N LEU A 65 6.36 8.28 6.76
CA LEU A 65 7.60 8.96 7.16
C LEU A 65 8.39 9.46 5.96
N THR A 66 8.06 9.02 4.75
CA THR A 66 8.81 9.39 3.57
C THR A 66 8.06 10.36 2.67
N LEU A 67 7.10 11.12 3.21
CA LEU A 67 6.37 12.10 2.42
C LEU A 67 7.12 13.44 2.29
N PRO A 68 7.76 13.96 3.34
CA PRO A 68 8.53 15.21 3.15
C PRO A 68 9.63 15.09 2.12
N TYR A 69 10.22 13.91 1.96
CA TYR A 69 11.21 13.68 0.92
C TYR A 69 10.62 13.92 -0.46
N SER A 70 9.47 13.28 -0.75
CA SER A 70 8.79 13.49 -2.01
C SER A 70 8.32 14.93 -2.18
N PHE A 71 7.95 15.59 -1.09
CA PHE A 71 7.56 16.99 -1.18
C PHE A 71 8.74 17.84 -1.62
N SER A 72 9.90 17.68 -0.96
CA SER A 72 11.08 18.42 -1.34
C SER A 72 11.47 18.16 -2.79
N GLN A 73 11.20 16.95 -3.28
CA GLN A 73 11.45 16.69 -4.70
C GLN A 73 10.43 17.42 -5.58
N LEU A 74 9.18 17.53 -5.12
CA LEU A 74 8.10 18.10 -5.91
C LEU A 74 7.86 19.58 -5.62
N GLY A 75 7.54 19.91 -4.37
CA GLY A 75 7.03 21.21 -4.02
C GLY A 75 5.74 21.08 -3.22
N MET A 76 5.23 22.23 -2.80
CA MET A 76 3.99 22.21 -2.02
C MET A 76 2.77 22.13 -2.91
N LEU A 77 2.69 23.00 -3.92
CA LEU A 77 1.54 23.01 -4.82
C LEU A 77 1.35 21.67 -5.50
N SER A 78 2.39 21.19 -6.17
CA SER A 78 2.28 19.92 -6.90
C SER A 78 2.05 18.76 -5.95
N GLY A 79 2.68 18.78 -4.78
CA GLY A 79 2.47 17.71 -3.81
C GLY A 79 1.03 17.60 -3.36
N ILE A 80 0.45 18.72 -2.94
CA ILE A 80 -0.93 18.72 -2.45
C ILE A 80 -1.88 18.32 -3.58
N VAL A 81 -1.70 18.89 -4.76
CA VAL A 81 -2.60 18.61 -5.87
C VAL A 81 -2.55 17.13 -6.25
N LEU A 82 -1.35 16.56 -6.31
CA LEU A 82 -1.25 15.16 -6.68
C LEU A 82 -1.82 14.25 -5.60
N GLN A 83 -1.67 14.62 -4.33
CA GLN A 83 -2.29 13.83 -3.27
C GLN A 83 -3.80 13.77 -3.44
N ILE A 84 -4.43 14.93 -3.67
CA ILE A 84 -5.88 14.97 -3.84
C ILE A 84 -6.30 14.14 -5.06
N PHE A 85 -5.61 14.35 -6.19
CA PHE A 85 -5.92 13.65 -7.43
C PHE A 85 -5.90 12.13 -7.21
N TYR A 86 -4.79 11.61 -6.68
CA TYR A 86 -4.66 10.17 -6.55
C TYR A 86 -5.58 9.61 -5.48
N GLY A 87 -5.89 10.36 -4.43
CA GLY A 87 -6.85 9.87 -3.46
C GLY A 87 -8.23 9.66 -4.06
N LEU A 88 -8.68 10.63 -4.86
CA LEU A 88 -9.98 10.47 -5.53
C LEU A 88 -9.95 9.30 -6.50
N LEU A 89 -8.88 9.16 -7.29
CA LEU A 89 -8.80 8.04 -8.22
C LEU A 89 -8.84 6.70 -7.49
N GLY A 90 -8.14 6.60 -6.36
CA GLY A 90 -8.15 5.36 -5.60
C GLY A 90 -9.54 5.01 -5.08
N SER A 91 -10.25 6.01 -4.56
CA SER A 91 -11.63 5.76 -4.14
C SER A 91 -12.48 5.24 -5.29
N TRP A 92 -12.34 5.85 -6.47
CA TRP A 92 -13.14 5.42 -7.61
C TRP A 92 -12.85 3.97 -7.97
N THR A 93 -11.57 3.57 -7.95
CA THR A 93 -11.26 2.18 -8.31
C THR A 93 -11.76 1.20 -7.27
N ALA A 94 -11.70 1.57 -5.98
CA ALA A 94 -12.25 0.70 -4.95
C ALA A 94 -13.74 0.48 -5.13
N TYR A 95 -14.46 1.52 -5.56
CA TYR A 95 -15.87 1.35 -5.85
C TYR A 95 -16.08 0.28 -6.94
N LEU A 96 -15.28 0.33 -8.00
CA LEU A 96 -15.41 -0.65 -9.07
C LEU A 96 -15.12 -2.06 -8.58
N ILE A 97 -14.15 -2.20 -7.68
CA ILE A 97 -13.87 -3.52 -7.13
C ILE A 97 -15.07 -4.05 -6.36
N SER A 98 -15.73 -3.20 -5.57
CA SER A 98 -16.92 -3.64 -4.86
C SER A 98 -18.01 -4.06 -5.84
N VAL A 99 -18.17 -3.30 -6.92
CA VAL A 99 -19.23 -3.62 -7.88
C VAL A 99 -18.97 -4.95 -8.55
N LEU A 100 -17.72 -5.24 -8.88
CA LEU A 100 -17.37 -6.52 -9.50
C LEU A 100 -17.59 -7.67 -8.54
N TYR A 101 -17.23 -7.50 -7.26
CA TYR A 101 -17.51 -8.55 -6.28
C TYR A 101 -18.99 -8.87 -6.24
N VAL A 102 -19.83 -7.84 -6.16
CA VAL A 102 -21.27 -8.07 -6.06
C VAL A 102 -21.79 -8.75 -7.33
N GLU A 103 -21.31 -8.32 -8.49
CA GLU A 103 -21.72 -8.94 -9.75
C GLU A 103 -21.41 -10.43 -9.76
N TYR A 104 -20.17 -10.79 -9.42
CA TYR A 104 -19.79 -12.20 -9.43
C TYR A 104 -20.62 -13.00 -8.45
N ARG A 105 -20.80 -12.50 -7.23
CA ARG A 105 -21.58 -13.22 -6.24
C ARG A 105 -23.00 -13.46 -6.71
N ALA A 106 -23.64 -12.43 -7.29
CA ALA A 106 -25.01 -12.58 -7.74
C ALA A 106 -25.12 -13.48 -8.97
N ARG A 107 -24.07 -13.54 -9.79
CA ARG A 107 -24.10 -14.47 -10.91
C ARG A 107 -23.96 -15.90 -10.44
N LYS A 108 -23.13 -16.15 -9.43
CA LYS A 108 -22.89 -17.53 -9.02
C LYS A 108 -23.99 -18.05 -8.11
N GLU A 109 -24.66 -17.19 -7.34
CA GLU A 109 -25.77 -17.68 -6.54
C GLU A 109 -27.01 -18.00 -7.37
N LYS A 110 -27.06 -17.58 -8.63
CA LYS A 110 -28.23 -17.88 -9.45
C LYS A 110 -28.25 -19.33 -9.88
N GLU A 111 -27.09 -19.91 -10.15
CA GLU A 111 -27.03 -21.29 -10.62
C GLU A 111 -27.19 -22.30 -9.49
N GLY A 112 -26.82 -21.92 -8.27
CA GLY A 112 -27.03 -22.80 -7.14
C GLY A 112 -25.76 -23.23 -6.42
N LYS A 113 -24.73 -22.39 -6.46
CA LYS A 113 -23.45 -22.67 -5.82
C LYS A 113 -23.28 -21.75 -4.62
N SER A 114 -23.12 -22.33 -3.44
CA SER A 114 -22.99 -21.56 -2.22
C SER A 114 -21.55 -21.46 -1.71
N PHE A 115 -21.23 -20.30 -1.16
CA PHE A 115 -19.89 -20.00 -0.65
C PHE A 115 -19.78 -20.01 0.87
N LYS A 116 -20.73 -20.65 1.55
CA LYS A 116 -20.70 -20.67 3.01
C LYS A 116 -19.40 -21.27 3.53
N ASN A 117 -18.88 -20.64 4.58
CA ASN A 117 -17.60 -20.97 5.21
C ASN A 117 -16.42 -20.82 4.25
N HIS A 118 -16.51 -19.83 3.38
CA HIS A 118 -15.46 -19.55 2.40
C HIS A 118 -15.30 -18.07 2.14
N VAL A 119 -14.08 -17.68 1.76
CA VAL A 119 -13.78 -16.30 1.44
C VAL A 119 -13.43 -16.23 -0.02
N ILE A 120 -14.09 -15.33 -0.73
CA ILE A 120 -13.86 -15.15 -2.15
C ILE A 120 -12.48 -14.51 -2.39
N GLN A 121 -11.81 -14.92 -3.46
CA GLN A 121 -10.50 -14.39 -3.80
C GLN A 121 -10.69 -13.53 -5.05
N TRP A 122 -9.82 -12.55 -5.24
CA TRP A 122 -9.94 -11.64 -6.39
C TRP A 122 -9.65 -12.36 -7.70
N PHE A 123 -8.70 -13.30 -7.69
CA PHE A 123 -8.44 -14.06 -8.91
C PHE A 123 -9.61 -15.00 -9.24
N GLU A 124 -10.30 -15.50 -8.22
CA GLU A 124 -11.53 -16.26 -8.48
C GLU A 124 -12.57 -15.39 -9.17
N VAL A 125 -12.67 -14.12 -8.76
CA VAL A 125 -13.63 -13.21 -9.37
C VAL A 125 -13.28 -12.96 -10.82
N LEU A 126 -12.01 -12.67 -11.09
CA LEU A 126 -11.59 -12.45 -12.48
C LEU A 126 -11.79 -13.70 -13.32
N ASP A 127 -11.56 -14.88 -12.73
CA ASP A 127 -11.75 -16.12 -13.47
C ASP A 127 -13.22 -16.37 -13.77
N GLY A 128 -14.10 -16.06 -12.81
CA GLY A 128 -15.52 -16.27 -13.02
C GLY A 128 -16.17 -15.26 -13.94
N LEU A 129 -15.57 -14.08 -14.08
CA LEU A 129 -16.12 -13.05 -14.95
C LEU A 129 -15.52 -13.06 -16.35
N LEU A 130 -14.20 -13.21 -16.48
CA LEU A 130 -13.54 -13.00 -17.77
C LEU A 130 -12.94 -14.26 -18.36
N GLY A 131 -12.08 -14.96 -17.65
CA GLY A 131 -11.45 -16.13 -18.23
C GLY A 131 -10.27 -16.59 -17.40
N SER A 132 -9.31 -17.24 -18.07
CA SER A 132 -8.15 -17.83 -17.42
C SER A 132 -6.94 -16.91 -17.38
N TYR A 133 -6.65 -16.21 -18.48
CA TYR A 133 -5.52 -15.29 -18.51
C TYR A 133 -5.63 -14.25 -17.41
N TRP A 134 -6.86 -13.83 -17.09
CA TRP A 134 -7.03 -12.84 -16.04
C TRP A 134 -6.78 -13.42 -14.66
N LYS A 135 -7.15 -14.69 -14.45
CA LYS A 135 -6.76 -15.35 -13.21
C LYS A 135 -5.24 -15.39 -13.08
N ALA A 136 -4.55 -15.72 -14.17
CA ALA A 136 -3.09 -15.77 -14.12
C ALA A 136 -2.50 -14.40 -13.79
N LEU A 137 -2.99 -13.35 -14.45
CA LEU A 137 -2.47 -12.00 -14.21
C LEU A 137 -2.70 -11.58 -12.76
N GLY A 138 -3.93 -11.76 -12.26
CA GLY A 138 -4.23 -11.40 -10.89
C GLY A 138 -3.35 -12.13 -9.90
N LEU A 139 -3.18 -13.45 -10.09
CA LEU A 139 -2.35 -14.24 -9.19
C LEU A 139 -0.91 -13.74 -9.18
N ALA A 140 -0.32 -13.56 -10.37
CA ALA A 140 1.07 -13.14 -10.45
C ALA A 140 1.28 -11.78 -9.78
N PHE A 141 0.46 -10.80 -10.13
CA PHE A 141 0.67 -9.46 -9.59
C PHE A 141 0.42 -9.40 -8.09
N ASN A 142 -0.59 -10.13 -7.60
CA ASN A 142 -0.83 -10.14 -6.16
C ASN A 142 0.35 -10.75 -5.41
N CYS A 143 0.89 -11.86 -5.93
CA CYS A 143 2.03 -12.49 -5.26
C CYS A 143 3.22 -11.54 -5.18
N THR A 144 3.57 -10.91 -6.31
CA THR A 144 4.72 -10.03 -6.30
C THR A 144 4.50 -8.83 -5.38
N PHE A 145 3.29 -8.28 -5.38
CA PHE A 145 3.00 -7.13 -4.54
C PHE A 145 3.13 -7.47 -3.06
N LEU A 146 2.61 -8.63 -2.64
CA LEU A 146 2.74 -9.01 -1.24
C LEU A 146 4.19 -9.24 -0.85
N LEU A 147 4.96 -9.91 -1.72
CA LEU A 147 6.38 -10.11 -1.45
C LEU A 147 7.09 -8.79 -1.18
N PHE A 148 6.91 -7.82 -2.08
CA PHE A 148 7.66 -6.58 -1.91
C PHE A 148 7.11 -5.72 -0.77
N GLY A 149 5.82 -5.83 -0.46
CA GLY A 149 5.32 -5.19 0.74
C GLY A 149 6.02 -5.69 1.99
N SER A 150 6.21 -7.01 2.08
CA SER A 150 6.94 -7.57 3.21
C SER A 150 8.37 -7.05 3.28
N VAL A 151 9.05 -7.00 2.13
CA VAL A 151 10.41 -6.47 2.09
C VAL A 151 10.45 -5.05 2.64
N ILE A 152 9.51 -4.21 2.18
CA ILE A 152 9.52 -2.80 2.59
C ILE A 152 9.25 -2.66 4.07
N GLN A 153 8.36 -3.48 4.62
CA GLN A 153 8.09 -3.40 6.05
C GLN A 153 9.32 -3.79 6.86
N LEU A 154 10.06 -4.81 6.43
CA LEU A 154 11.29 -5.18 7.15
C LEU A 154 12.30 -4.03 7.13
N ILE A 155 12.47 -3.40 5.97
CA ILE A 155 13.39 -2.26 5.87
C ILE A 155 12.98 -1.16 6.84
N ALA A 156 11.67 -0.84 6.89
CA ALA A 156 11.21 0.25 7.74
C ALA A 156 11.44 -0.06 9.22
N CYS A 157 11.19 -1.30 9.63
CA CYS A 157 11.45 -1.68 11.01
C CYS A 157 12.91 -1.46 11.38
N ALA A 158 13.82 -1.91 10.50
CA ALA A 158 15.24 -1.71 10.78
C ALA A 158 15.59 -0.23 10.92
N SER A 159 15.05 0.60 10.03
CA SER A 159 15.36 2.03 10.07
C SER A 159 14.91 2.66 11.39
N ASN A 160 13.66 2.41 11.79
CA ASN A 160 13.16 3.05 13.00
C ASN A 160 13.88 2.54 14.25
N ILE A 161 14.15 1.23 14.32
CA ILE A 161 14.88 0.72 15.48
C ILE A 161 16.27 1.32 15.52
N TYR A 162 16.84 1.70 14.37
CA TYR A 162 18.08 2.45 14.43
C TYR A 162 17.87 3.82 15.04
N TYR A 163 16.80 4.50 14.64
CA TYR A 163 16.63 5.87 15.15
C TYR A 163 16.21 5.92 16.61
N ILE A 164 15.86 4.79 17.23
CA ILE A 164 15.68 4.82 18.68
C ILE A 164 16.98 4.49 19.41
N ASN A 165 17.85 3.67 18.82
CA ASN A 165 19.11 3.30 19.44
C ASN A 165 20.13 3.10 18.34
N ASP A 166 21.21 3.87 18.37
CA ASP A 166 22.20 3.88 17.31
C ASP A 166 23.57 3.40 17.76
N HIS A 167 23.61 2.32 18.53
CA HIS A 167 24.87 1.64 18.81
C HIS A 167 25.20 0.58 17.76
N LEU A 168 24.20 0.11 17.02
CA LEU A 168 24.38 -0.88 15.98
C LEU A 168 23.89 -0.30 14.65
N ASP A 169 24.65 -0.54 13.59
CA ASP A 169 24.29 -0.02 12.28
C ASP A 169 23.03 -0.73 11.77
N LYS A 170 22.48 -0.19 10.68
CA LYS A 170 21.18 -0.67 10.22
C LYS A 170 21.25 -2.09 9.67
N ARG A 171 22.42 -2.52 9.19
CA ARG A 171 22.52 -3.89 8.67
C ARG A 171 22.49 -4.91 9.80
N THR A 172 23.07 -4.58 10.95
CA THR A 172 22.99 -5.49 12.08
C THR A 172 21.58 -5.53 12.66
N TRP A 173 20.88 -4.39 12.63
CA TRP A 173 19.47 -4.43 13.04
C TRP A 173 18.64 -5.22 12.05
N THR A 174 18.99 -5.22 10.77
CA THR A 174 18.28 -6.08 9.83
C THR A 174 18.56 -7.55 10.12
N TYR A 175 19.81 -7.89 10.44
CA TYR A 175 20.10 -9.24 10.91
C TYR A 175 19.19 -9.63 12.07
N ILE A 176 19.08 -8.76 13.07
CA ILE A 176 18.36 -9.10 14.28
C ILE A 176 16.86 -9.23 14.01
N PHE A 177 16.29 -8.32 13.23
CA PHE A 177 14.86 -8.35 13.00
C PHE A 177 14.44 -9.37 11.96
N GLY A 178 15.35 -9.80 11.09
CA GLY A 178 15.03 -10.87 10.16
C GLY A 178 14.68 -12.16 10.87
N ALA A 179 15.37 -12.45 11.98
CA ALA A 179 15.05 -13.65 12.75
C ALA A 179 13.69 -13.53 13.42
N CYS A 180 13.39 -12.36 13.98
CA CYS A 180 12.11 -12.17 14.65
C CYS A 180 10.95 -12.19 13.67
N CYS A 181 11.20 -11.86 12.40
CA CYS A 181 10.17 -11.95 11.38
C CYS A 181 10.21 -13.24 10.58
N ALA A 182 11.24 -14.06 10.76
CA ALA A 182 11.26 -15.39 10.15
C ALA A 182 10.80 -16.48 11.10
N THR A 183 10.75 -16.19 12.40
CA THR A 183 10.07 -17.07 13.34
C THR A 183 8.57 -16.89 13.31
N THR A 184 8.04 -16.19 12.31
CA THR A 184 6.61 -16.02 12.15
C THR A 184 5.97 -17.13 11.32
N VAL A 185 6.76 -18.08 10.83
CA VAL A 185 6.21 -19.17 10.03
C VAL A 185 5.23 -20.01 10.83
N PHE A 186 5.27 -19.92 12.16
CA PHE A 186 4.39 -20.70 13.02
C PHE A 186 3.08 -19.98 13.32
N ILE A 187 2.64 -19.08 12.45
CA ILE A 187 1.46 -18.27 12.70
C ILE A 187 0.27 -18.94 12.01
N PRO A 188 -0.85 -19.12 12.70
CA PRO A 188 -2.06 -19.62 12.04
C PRO A 188 -2.82 -18.52 11.32
N SER A 189 -4.01 -18.84 10.81
CA SER A 189 -4.87 -17.87 10.16
C SER A 189 -5.56 -17.04 11.23
N PHE A 190 -5.36 -15.72 11.18
CA PHE A 190 -5.91 -14.80 12.16
C PHE A 190 -7.01 -13.96 11.52
N HIS A 191 -8.17 -13.92 12.17
CA HIS A 191 -9.27 -13.07 11.76
C HIS A 191 -9.19 -11.73 12.50
N ASN A 192 -10.30 -10.99 12.50
CA ASN A 192 -10.43 -9.75 13.28
C ASN A 192 -9.41 -8.71 12.83
N TYR A 193 -9.43 -8.38 11.54
CA TYR A 193 -8.53 -7.36 11.02
C TYR A 193 -9.03 -5.97 11.35
N ARG A 194 -10.33 -5.81 11.56
CA ARG A 194 -10.91 -4.49 11.76
C ARG A 194 -10.49 -3.89 13.10
N ILE A 195 -10.51 -4.71 14.16
CA ILE A 195 -10.11 -4.22 15.48
C ILE A 195 -8.67 -3.76 15.47
N TRP A 196 -7.80 -4.48 14.74
CA TRP A 196 -6.42 -4.06 14.65
C TRP A 196 -6.27 -2.80 13.80
N SER A 197 -7.06 -2.69 12.73
CA SER A 197 -6.97 -1.50 11.88
C SER A 197 -7.39 -0.25 12.65
N PHE A 198 -8.38 -0.37 13.52
CA PHE A 198 -8.82 0.78 14.29
C PHE A 198 -7.86 1.16 15.40
N LEU A 199 -6.83 0.34 15.67
CA LEU A 199 -5.76 0.77 16.56
C LEU A 199 -4.58 1.29 15.75
N GLY A 200 -4.34 0.69 14.59
CA GLY A 200 -3.31 1.21 13.71
C GLY A 200 -3.57 2.64 13.31
N LEU A 201 -4.84 2.97 13.03
CA LEU A 201 -5.17 4.35 12.73
C LEU A 201 -4.99 5.24 13.96
N GLY A 202 -5.32 4.70 15.14
CA GLY A 202 -5.16 5.49 16.36
C GLY A 202 -3.71 5.78 16.70
N MET A 203 -2.80 4.98 16.20
CA MET A 203 -1.37 5.29 16.39
C MET A 203 -0.82 6.17 15.27
N THR A 204 -1.27 5.95 14.03
CA THR A 204 -0.84 6.79 12.94
C THR A 204 -1.28 8.24 13.13
N THR A 205 -2.45 8.47 13.71
CA THR A 205 -2.90 9.85 13.93
C THR A 205 -1.98 10.57 14.92
N TYR A 206 -1.58 9.88 15.99
CA TYR A 206 -0.64 10.49 16.93
C TYR A 206 0.68 10.81 16.25
N THR A 207 1.22 9.86 15.47
CA THR A 207 2.50 10.12 14.83
C THR A 207 2.41 11.33 13.88
N ALA A 208 1.35 11.38 13.06
CA ALA A 208 1.22 12.46 12.09
C ALA A 208 1.08 13.80 12.78
N TRP A 209 0.21 13.90 13.79
CA TRP A 209 0.02 15.20 14.41
C TRP A 209 1.21 15.60 15.27
N TYR A 210 1.95 14.64 15.81
CA TYR A 210 3.21 14.98 16.44
C TYR A 210 4.16 15.63 15.45
N LEU A 211 4.37 14.97 14.29
CA LEU A 211 5.24 15.55 13.29
C LEU A 211 4.83 16.97 12.95
N ALA A 212 3.54 17.18 12.69
CA ALA A 212 3.07 18.51 12.29
C ALA A 212 3.35 19.54 13.38
N ILE A 213 2.88 19.29 14.61
CA ILE A 213 2.96 20.31 15.64
C ILE A 213 4.41 20.53 16.07
N ALA A 214 5.23 19.48 16.06
CA ALA A 214 6.62 19.64 16.44
C ALA A 214 7.39 20.46 15.41
N SER A 215 7.14 20.24 14.13
CA SER A 215 7.82 21.05 13.11
C SER A 215 7.31 22.48 13.13
N ILE A 216 6.05 22.70 13.52
CA ILE A 216 5.56 24.08 13.62
C ILE A 216 6.22 24.79 14.80
N ILE A 217 6.34 24.11 15.94
CA ILE A 217 6.91 24.75 17.12
C ILE A 217 8.41 24.95 16.98
N HIS A 218 9.10 24.03 16.30
CA HIS A 218 10.55 24.16 16.14
C HIS A 218 10.93 25.41 15.37
N GLY A 219 10.05 25.88 14.48
CA GLY A 219 10.39 26.96 13.59
C GLY A 219 11.23 26.46 12.44
N GLN A 220 11.75 27.40 11.67
CA GLN A 220 12.67 27.09 10.59
C GLN A 220 13.98 27.85 10.79
N ALA A 221 15.09 27.20 10.47
CA ALA A 221 16.38 27.84 10.62
C ALA A 221 16.54 28.97 9.59
N GLU A 222 17.59 29.75 9.77
CA GLU A 222 17.90 30.80 8.83
C GLU A 222 18.67 30.23 7.64
N GLY A 223 18.37 30.73 6.44
CA GLY A 223 19.03 30.28 5.24
C GLY A 223 18.48 29.01 4.64
N VAL A 224 17.45 28.40 5.25
CA VAL A 224 16.82 27.22 4.67
C VAL A 224 16.25 27.59 3.31
N LYS A 225 16.59 26.79 2.30
CA LYS A 225 16.19 27.07 0.93
C LYS A 225 15.14 26.06 0.47
N HIS A 226 14.16 26.56 -0.29
CA HIS A 226 13.18 25.74 -0.99
C HIS A 226 13.43 25.91 -2.48
N SER A 227 13.85 24.84 -3.14
CA SER A 227 14.21 24.96 -4.55
C SER A 227 13.02 24.73 -5.47
N GLY A 228 12.26 23.66 -5.23
CA GLY A 228 11.17 23.30 -6.11
C GLY A 228 11.59 22.24 -7.10
N PRO A 229 10.80 22.06 -8.16
CA PRO A 229 11.12 21.05 -9.18
C PRO A 229 12.22 21.53 -10.11
N THR A 230 13.35 20.82 -10.10
CA THR A 230 14.49 21.17 -10.93
C THR A 230 14.86 20.08 -11.94
N LYS A 231 15.03 18.85 -11.49
CA LYS A 231 15.28 17.72 -12.39
C LYS A 231 13.98 16.98 -12.68
N LEU A 232 13.99 16.23 -13.77
CA LEU A 232 12.80 15.45 -14.12
C LEU A 232 12.72 14.16 -13.31
N VAL A 233 13.85 13.47 -13.14
CA VAL A 233 13.82 12.19 -12.46
C VAL A 233 13.35 12.35 -11.02
N LEU A 234 13.77 13.43 -10.36
CA LEU A 234 13.31 13.69 -9.01
C LEU A 234 11.82 13.95 -8.98
N TYR A 235 11.33 14.79 -9.88
CA TYR A 235 9.91 15.10 -9.92
C TYR A 235 9.08 13.83 -10.08
N PHE A 236 9.46 12.97 -11.01
CA PHE A 236 8.63 11.81 -11.29
C PHE A 236 8.79 10.71 -10.25
N THR A 237 9.96 10.58 -9.61
CA THR A 237 10.02 9.62 -8.53
C THR A 237 9.20 10.09 -7.33
N GLY A 238 9.12 11.40 -7.10
CA GLY A 238 8.21 11.88 -6.07
C GLY A 238 6.76 11.63 -6.41
N ALA A 239 6.38 11.88 -7.66
CA ALA A 239 5.01 11.62 -8.07
C ALA A 239 4.64 10.15 -7.94
N THR A 240 5.59 9.25 -8.23
CA THR A 240 5.29 7.82 -8.08
C THR A 240 5.22 7.41 -6.62
N ASN A 241 6.06 7.99 -5.76
CA ASN A 241 5.92 7.71 -4.34
C ASN A 241 4.58 8.20 -3.80
N ILE A 242 4.02 9.25 -4.40
CA ILE A 242 2.69 9.69 -4.01
C ILE A 242 1.63 8.71 -4.52
N LEU A 243 1.78 8.25 -5.76
CA LEU A 243 0.85 7.26 -6.30
C LEU A 243 0.81 6.00 -5.44
N TYR A 244 1.98 5.58 -4.94
CA TYR A 244 2.07 4.38 -4.10
C TYR A 244 1.27 4.51 -2.81
N THR A 245 1.01 5.74 -2.35
CA THR A 245 0.35 5.91 -1.06
C THR A 245 -1.08 5.41 -1.09
N PHE A 246 -1.84 5.77 -2.12
CA PHE A 246 -3.25 5.45 -2.20
C PHE A 246 -3.50 4.15 -2.96
N GLY A 247 -2.52 3.25 -2.98
CA GLY A 247 -2.70 1.96 -3.60
C GLY A 247 -2.96 0.86 -2.60
N GLY A 248 -4.23 0.47 -2.46
CA GLY A 248 -4.61 -0.61 -1.58
C GLY A 248 -5.95 -1.18 -2.01
N HIS A 249 -6.06 -2.50 -2.01
CA HIS A 249 -7.27 -3.13 -2.50
C HIS A 249 -7.54 -4.42 -1.73
N ALA A 250 -8.77 -4.91 -1.86
CA ALA A 250 -9.18 -6.13 -1.19
C ALA A 250 -8.75 -7.34 -1.99
N VAL A 251 -8.18 -8.33 -1.30
CA VAL A 251 -7.73 -9.56 -1.92
C VAL A 251 -8.61 -10.74 -1.53
N THR A 252 -8.97 -10.83 -0.25
CA THR A 252 -9.84 -11.90 0.25
C THR A 252 -10.93 -11.25 1.07
N VAL A 253 -12.19 -11.58 0.78
CA VAL A 253 -13.34 -10.96 1.42
C VAL A 253 -14.22 -12.05 2.00
N GLU A 254 -14.53 -11.93 3.29
CA GLU A 254 -15.41 -12.89 3.94
C GLU A 254 -16.86 -12.64 3.55
N ILE A 255 -17.64 -13.71 3.43
CA ILE A 255 -19.03 -13.62 3.01
C ILE A 255 -20.00 -13.70 4.18
N MET A 256 -19.50 -13.52 5.41
CA MET A 256 -20.35 -13.72 6.58
C MET A 256 -21.33 -12.56 6.75
N HIS A 257 -20.90 -11.34 6.47
CA HIS A 257 -21.68 -10.14 6.76
C HIS A 257 -22.57 -9.72 5.60
N ALA A 258 -23.03 -10.66 4.78
CA ALA A 258 -23.93 -10.31 3.68
C ALA A 258 -25.31 -9.92 4.21
N MET A 259 -25.63 -10.30 5.44
CA MET A 259 -26.96 -10.03 5.98
C MET A 259 -27.11 -8.55 6.36
N TRP A 260 -26.03 -7.91 6.79
CA TRP A 260 -26.11 -6.54 7.27
C TRP A 260 -26.52 -5.60 6.15
N LYS A 261 -27.24 -4.54 6.52
CA LYS A 261 -27.66 -3.50 5.57
C LYS A 261 -27.86 -2.21 6.34
N PRO A 262 -26.81 -1.41 6.52
CA PRO A 262 -26.93 -0.17 7.28
C PRO A 262 -27.28 1.03 6.41
N GLN A 263 -27.88 2.02 7.05
CA GLN A 263 -28.36 3.22 6.38
C GLN A 263 -27.44 4.43 6.57
N LYS A 264 -26.24 4.23 7.11
CA LYS A 264 -25.29 5.32 7.29
C LYS A 264 -23.99 5.09 6.53
N PHE A 265 -23.92 4.05 5.70
CA PHE A 265 -22.71 3.66 4.99
C PHE A 265 -22.75 4.03 3.52
N LYS A 266 -23.22 5.24 3.21
CA LYS A 266 -23.39 5.66 1.82
C LYS A 266 -22.06 5.82 1.10
N TYR A 267 -21.20 6.72 1.60
CA TYR A 267 -19.96 7.07 0.93
C TYR A 267 -18.75 6.79 1.80
N ILE A 268 -18.69 5.58 2.35
CA ILE A 268 -17.64 5.22 3.29
C ILE A 268 -16.26 5.31 2.65
N TYR A 269 -16.16 5.08 1.34
CA TYR A 269 -14.87 5.19 0.67
C TYR A 269 -14.37 6.64 0.68
N LEU A 270 -15.25 7.58 0.36
CA LEU A 270 -14.87 8.98 0.40
C LEU A 270 -14.59 9.44 1.83
N MET A 271 -15.30 8.89 2.82
CA MET A 271 -15.02 9.24 4.21
C MET A 271 -13.63 8.78 4.61
N ALA A 272 -13.26 7.54 4.26
CA ALA A 272 -11.92 7.05 4.54
C ALA A 272 -10.87 7.90 3.85
N THR A 273 -11.12 8.29 2.59
CA THR A 273 -10.14 9.10 1.88
C THR A 273 -9.98 10.48 2.51
N LEU A 274 -11.07 11.08 2.97
CA LEU A 274 -10.97 12.38 3.63
C LEU A 274 -10.17 12.29 4.92
N TYR A 275 -10.39 11.23 5.70
CA TYR A 275 -9.58 11.10 6.91
C TYR A 275 -8.11 10.83 6.58
N VAL A 276 -7.83 10.08 5.51
CA VAL A 276 -6.43 9.90 5.12
C VAL A 276 -5.79 11.22 4.70
N PHE A 277 -6.55 12.08 4.01
CA PHE A 277 -6.03 13.41 3.68
C PHE A 277 -5.70 14.19 4.95
N THR A 278 -6.62 14.20 5.92
CA THR A 278 -6.37 14.87 7.18
C THR A 278 -5.12 14.33 7.86
N LEU A 279 -4.84 13.04 7.70
CA LEU A 279 -3.62 12.49 8.27
C LEU A 279 -2.36 12.93 7.53
N THR A 280 -2.39 12.93 6.20
CA THR A 280 -1.15 12.97 5.42
C THR A 280 -0.77 14.34 4.89
N ILE A 281 -1.69 15.28 4.74
CA ILE A 281 -1.31 16.57 4.17
C ILE A 281 -0.62 17.47 5.21
N PRO A 282 -1.20 17.70 6.40
CA PRO A 282 -0.55 18.63 7.34
C PRO A 282 0.84 18.22 7.77
N SER A 283 1.06 16.94 8.07
CA SER A 283 2.38 16.51 8.55
C SER A 283 3.46 16.79 7.51
N ALA A 284 3.26 16.31 6.29
CA ALA A 284 4.25 16.52 5.24
C ALA A 284 4.45 17.98 4.95
N ALA A 285 3.37 18.75 4.86
CA ALA A 285 3.48 20.18 4.56
C ALA A 285 4.29 20.90 5.63
N ALA A 286 4.00 20.64 6.90
CA ALA A 286 4.70 21.34 7.97
C ALA A 286 6.16 20.94 8.04
N VAL A 287 6.47 19.64 7.91
CA VAL A 287 7.85 19.20 7.99
C VAL A 287 8.67 19.78 6.84
N TYR A 288 8.12 19.76 5.63
CA TYR A 288 8.84 20.35 4.50
C TYR A 288 9.04 21.85 4.71
N TRP A 289 7.98 22.57 5.09
CA TRP A 289 8.11 24.00 5.30
C TRP A 289 9.17 24.32 6.35
N ALA A 290 9.30 23.47 7.36
CA ALA A 290 10.24 23.77 8.43
C ALA A 290 11.68 23.42 8.07
N PHE A 291 11.91 22.36 7.28
CA PHE A 291 13.27 21.90 7.08
C PHE A 291 13.82 22.07 5.67
N GLY A 292 13.02 22.53 4.71
CA GLY A 292 13.58 22.95 3.43
C GLY A 292 14.22 21.83 2.64
N ASP A 293 15.32 22.17 1.96
CA ASP A 293 15.99 21.27 1.03
C ASP A 293 16.84 20.21 1.72
N ALA A 294 16.98 20.26 3.04
CA ALA A 294 17.79 19.26 3.73
C ALA A 294 17.15 17.89 3.74
N LEU A 295 16.01 17.72 3.09
CA LEU A 295 15.29 16.46 3.05
C LEU A 295 15.69 15.58 1.88
N LEU A 296 16.42 16.12 0.89
CA LEU A 296 16.87 15.30 -0.22
C LEU A 296 17.88 14.24 0.22
N ASP A 297 18.47 14.41 1.40
CA ASP A 297 19.45 13.46 1.93
C ASP A 297 18.94 12.79 3.20
N HIS A 298 17.63 12.76 3.41
CA HIS A 298 17.05 12.07 4.56
C HIS A 298 15.67 11.57 4.13
N SER A 299 15.59 10.30 3.78
CA SER A 299 14.32 9.67 3.43
C SER A 299 13.54 9.22 4.65
N ASN A 300 14.02 9.51 5.85
CA ASN A 300 13.32 9.19 7.10
C ASN A 300 13.31 10.46 7.95
N ALA A 301 12.13 11.07 8.08
CA ALA A 301 12.03 12.37 8.73
C ALA A 301 12.36 12.35 10.21
N PHE A 302 12.47 11.18 10.83
CA PHE A 302 12.88 11.12 12.23
C PHE A 302 14.33 11.54 12.43
N SER A 303 15.12 11.63 11.36
CA SER A 303 16.53 11.95 11.48
C SER A 303 16.77 13.45 11.65
N LEU A 304 15.79 14.28 11.34
CA LEU A 304 15.94 15.73 11.45
C LEU A 304 15.25 16.32 12.66
N MET A 305 14.19 15.67 13.16
CA MET A 305 13.52 16.18 14.34
C MET A 305 14.48 16.15 15.54
N PRO A 306 14.32 17.05 16.50
CA PRO A 306 15.13 16.99 17.71
C PRO A 306 14.78 15.76 18.54
N LYS A 307 15.62 15.48 19.53
CA LYS A 307 15.47 14.30 20.37
C LYS A 307 14.89 14.69 21.73
N ASN A 308 13.71 14.18 22.03
CA ASN A 308 13.05 14.37 23.32
C ASN A 308 12.11 13.19 23.53
N ALA A 309 11.36 13.23 24.63
CA ALA A 309 10.53 12.08 25.00
C ALA A 309 9.45 11.80 23.98
N TRP A 310 8.89 12.86 23.36
CA TRP A 310 7.79 12.67 22.43
C TRP A 310 8.25 11.95 21.16
N ARG A 311 9.46 12.26 20.68
CA ARG A 311 9.95 11.55 19.50
C ARG A 311 10.19 10.08 19.82
N ASP A 312 10.67 9.80 21.03
CA ASP A 312 10.85 8.41 21.43
C ASP A 312 9.51 7.66 21.45
N ALA A 313 8.47 8.31 21.98
CA ALA A 313 7.15 7.69 21.97
C ALA A 313 6.67 7.44 20.55
N ALA A 314 6.89 8.40 19.65
CA ALA A 314 6.47 8.23 18.26
C ALA A 314 7.18 7.06 17.60
N VAL A 315 8.50 6.98 17.78
CA VAL A 315 9.27 5.88 17.20
C VAL A 315 8.77 4.55 17.74
N ILE A 316 8.53 4.48 19.05
CA ILE A 316 8.12 3.22 19.66
C ILE A 316 6.76 2.77 19.13
N LEU A 317 5.80 3.70 19.04
CA LEU A 317 4.48 3.34 18.53
C LEU A 317 4.56 2.89 17.07
N MET A 318 5.36 3.59 16.27
CA MET A 318 5.51 3.21 14.84
C MET A 318 6.08 1.79 14.72
N LEU A 319 7.16 1.49 15.46
CA LEU A 319 7.83 0.17 15.34
C LEU A 319 6.86 -0.96 15.71
N ILE A 320 6.16 -0.82 16.84
CA ILE A 320 5.23 -1.89 17.32
C ILE A 320 4.19 -2.13 16.24
N HIS A 321 3.57 -1.07 15.72
CA HIS A 321 2.55 -1.19 14.66
C HIS A 321 3.17 -1.92 13.46
N GLN A 322 4.34 -1.47 13.04
CA GLN A 322 4.99 -2.07 11.83
C GLN A 322 5.26 -3.56 12.08
N PHE A 323 5.67 -3.95 13.28
CA PHE A 323 6.01 -5.37 13.46
C PHE A 323 4.76 -6.25 13.39
N ILE A 324 3.64 -5.80 13.96
CA ILE A 324 2.45 -6.64 14.01
C ILE A 324 1.87 -6.86 12.62
N THR A 325 1.83 -5.82 11.80
CA THR A 325 1.17 -5.94 10.49
C THR A 325 1.90 -6.92 9.59
N PHE A 326 3.12 -7.30 9.94
CA PHE A 326 3.79 -8.38 9.22
C PHE A 326 3.07 -9.70 9.45
N GLY A 327 2.62 -9.94 10.68
CA GLY A 327 1.90 -11.17 10.97
C GLY A 327 0.54 -11.23 10.32
N PHE A 328 0.00 -10.06 9.92
CA PHE A 328 -1.24 -10.04 9.18
C PHE A 328 -1.02 -10.06 7.67
N ALA A 329 0.13 -9.57 7.20
CA ALA A 329 0.38 -9.53 5.77
C ALA A 329 1.02 -10.83 5.28
N CYS A 330 1.50 -11.66 6.21
CA CYS A 330 2.20 -12.88 5.83
C CYS A 330 1.22 -13.93 5.29
N THR A 331 0.08 -14.11 5.95
CA THR A 331 -0.82 -15.23 5.68
C THR A 331 -1.23 -15.40 4.22
N PRO A 332 -1.60 -14.36 3.46
CA PRO A 332 -2.01 -14.60 2.06
C PRO A 332 -0.92 -15.22 1.22
N LEU A 333 0.33 -14.77 1.41
CA LEU A 333 1.43 -15.31 0.63
C LEU A 333 1.70 -16.76 0.99
N TYR A 334 1.70 -17.08 2.30
CA TYR A 334 1.81 -18.47 2.72
C TYR A 334 0.68 -19.30 2.16
N PHE A 335 -0.54 -18.76 2.20
CA PHE A 335 -1.70 -19.47 1.67
C PHE A 335 -1.49 -19.86 0.21
N VAL A 336 -1.11 -18.88 -0.62
CA VAL A 336 -0.91 -19.14 -2.04
C VAL A 336 0.24 -20.13 -2.26
N TRP A 337 1.36 -19.92 -1.57
CA TRP A 337 2.50 -20.80 -1.76
C TRP A 337 2.17 -22.24 -1.38
N GLU A 338 1.50 -22.42 -0.25
CA GLU A 338 1.13 -23.78 0.17
C GLU A 338 0.12 -24.37 -0.79
N LYS A 339 -0.71 -23.54 -1.42
CA LYS A 339 -1.55 -24.02 -2.50
C LYS A 339 -0.69 -24.58 -3.64
N VAL A 340 0.37 -23.87 -3.99
CA VAL A 340 1.22 -24.30 -5.10
C VAL A 340 1.95 -25.60 -4.74
N ILE A 341 2.51 -25.67 -3.54
CA ILE A 341 3.31 -26.84 -3.17
C ILE A 341 2.44 -28.03 -2.80
N GLY A 342 1.21 -27.80 -2.34
CA GLY A 342 0.29 -28.89 -2.06
C GLY A 342 0.40 -29.52 -0.69
N MET A 343 1.15 -28.93 0.24
CA MET A 343 1.24 -29.46 1.59
C MET A 343 0.28 -28.75 2.53
N HIS A 344 -0.85 -28.29 2.00
CA HIS A 344 -1.78 -27.48 2.79
C HIS A 344 -2.35 -28.26 3.97
N ASP A 345 -3.09 -29.33 3.68
CA ASP A 345 -3.72 -30.14 4.73
C ASP A 345 -2.64 -30.96 5.41
N THR A 346 -1.89 -30.31 6.29
CA THR A 346 -0.75 -30.91 6.97
C THR A 346 -1.11 -31.19 8.43
N LYS A 347 -0.61 -32.32 8.93
CA LYS A 347 -0.80 -32.69 10.32
C LYS A 347 0.32 -32.20 11.23
N SER A 348 1.54 -32.14 10.72
CA SER A 348 2.69 -31.64 11.48
C SER A 348 2.91 -30.18 11.15
N ILE A 349 2.82 -29.32 12.16
CA ILE A 349 3.05 -27.89 11.94
C ILE A 349 4.48 -27.64 11.51
N CYS A 350 5.42 -28.49 11.95
CA CYS A 350 6.82 -28.29 11.57
C CYS A 350 7.01 -28.41 10.07
N LEU A 351 6.28 -29.32 9.42
CA LEU A 351 6.36 -29.42 7.97
C LEU A 351 5.90 -28.14 7.30
N ARG A 352 4.91 -27.45 7.88
CA ARG A 352 4.50 -26.16 7.34
C ARG A 352 5.63 -25.16 7.43
N ALA A 353 6.38 -25.16 8.54
CA ALA A 353 7.53 -24.28 8.65
C ALA A 353 8.58 -24.61 7.59
N LEU A 354 8.81 -25.91 7.36
CA LEU A 354 9.79 -26.32 6.36
C LEU A 354 9.36 -25.90 4.95
N ALA A 355 8.05 -25.93 4.69
CA ALA A 355 7.55 -25.49 3.39
C ALA A 355 7.52 -23.99 3.26
N ARG A 356 7.49 -23.25 4.38
CA ARG A 356 7.39 -21.81 4.32
C ARG A 356 8.74 -21.09 4.39
N LEU A 357 9.81 -21.78 4.81
CA LEU A 357 11.13 -21.15 4.81
C LEU A 357 11.53 -20.57 3.45
N PRO A 358 11.32 -21.23 2.31
CA PRO A 358 11.65 -20.62 1.02
C PRO A 358 10.78 -19.43 0.66
N VAL A 359 9.84 -19.04 1.50
CA VAL A 359 9.12 -17.78 1.30
C VAL A 359 9.76 -16.65 2.10
N VAL A 360 10.39 -16.97 3.22
CA VAL A 360 11.02 -15.94 4.04
C VAL A 360 12.50 -15.71 3.68
N ILE A 361 13.15 -16.67 3.04
CA ILE A 361 14.57 -16.50 2.70
C ILE A 361 14.77 -15.37 1.69
N PRO A 362 14.05 -15.33 0.56
CA PRO A 362 14.28 -14.22 -0.38
C PRO A 362 13.84 -12.86 0.15
N ILE A 363 12.82 -12.81 1.01
CA ILE A 363 12.46 -11.53 1.63
C ILE A 363 13.62 -10.98 2.43
N TRP A 364 14.23 -11.83 3.26
CA TRP A 364 15.35 -11.41 4.08
C TRP A 364 16.56 -11.01 3.24
N PHE A 365 16.86 -11.80 2.20
CA PHE A 365 17.98 -11.47 1.33
C PHE A 365 17.78 -10.15 0.62
N LEU A 366 16.57 -9.90 0.12
CA LEU A 366 16.29 -8.63 -0.56
C LEU A 366 16.32 -7.45 0.40
N ALA A 367 15.85 -7.65 1.63
CA ALA A 367 15.90 -6.57 2.60
C ALA A 367 17.32 -6.28 3.07
N ILE A 368 18.23 -7.25 2.94
CA ILE A 368 19.62 -6.98 3.28
C ILE A 368 20.35 -6.31 2.12
N ILE A 369 20.16 -6.80 0.90
CA ILE A 369 21.02 -6.36 -0.19
C ILE A 369 20.66 -4.95 -0.68
N PHE A 370 19.39 -4.56 -0.63
CA PHE A 370 18.92 -3.26 -1.11
C PHE A 370 18.16 -2.54 -0.01
N PRO A 371 18.84 -1.82 0.87
CA PRO A 371 18.18 -1.24 2.03
C PRO A 371 17.59 0.15 1.81
N PHE A 372 17.43 0.55 0.55
CA PHE A 372 17.03 1.90 0.22
C PHE A 372 15.60 2.16 0.68
N PHE A 373 15.44 2.96 1.74
CA PHE A 373 14.12 3.14 2.33
C PHE A 373 13.23 4.03 1.47
N GLY A 374 13.81 5.05 0.84
CA GLY A 374 13.04 5.99 0.07
C GLY A 374 12.63 5.51 -1.31
N PRO A 375 13.61 5.27 -2.20
CA PRO A 375 13.28 5.01 -3.61
C PRO A 375 12.66 3.65 -3.88
N ILE A 376 12.73 2.71 -2.93
CA ILE A 376 12.12 1.40 -3.18
C ILE A 376 10.61 1.54 -3.25
N ASN A 377 10.03 2.48 -2.51
CA ASN A 377 8.61 2.76 -2.63
C ASN A 377 8.26 3.21 -4.04
N SER A 378 9.07 4.10 -4.61
CA SER A 378 8.82 4.57 -5.96
C SER A 378 8.93 3.45 -6.98
N ALA A 379 9.96 2.61 -6.85
CA ALA A 379 10.12 1.50 -7.80
C ALA A 379 8.95 0.53 -7.72
N VAL A 380 8.61 0.08 -6.51
CA VAL A 380 7.49 -0.84 -6.33
C VAL A 380 6.20 -0.23 -6.86
N GLY A 381 5.94 1.04 -6.52
CA GLY A 381 4.79 1.72 -7.02
C GLY A 381 4.70 1.67 -8.52
N ALA A 382 5.69 2.28 -9.20
CA ALA A 382 5.67 2.39 -10.65
C ALA A 382 5.52 1.02 -11.33
N LEU A 383 6.17 -0.01 -10.80
CA LEU A 383 6.17 -1.28 -11.51
C LEU A 383 4.98 -2.17 -11.18
N LEU A 384 4.38 -2.04 -10.01
CA LEU A 384 3.35 -3.01 -9.64
C LEU A 384 2.01 -2.39 -9.27
N VAL A 385 1.99 -1.25 -8.57
CA VAL A 385 0.72 -0.74 -8.09
C VAL A 385 -0.10 -0.17 -9.23
N SER A 386 0.56 0.41 -10.23
CA SER A 386 -0.17 0.96 -11.37
C SER A 386 -0.94 -0.10 -12.11
N PHE A 387 -0.45 -1.33 -12.13
CA PHE A 387 -1.18 -2.42 -12.77
C PHE A 387 -2.11 -3.14 -11.82
N THR A 388 -1.80 -3.17 -10.52
CA THR A 388 -2.61 -3.96 -9.61
C THR A 388 -3.86 -3.21 -9.17
N VAL A 389 -3.75 -1.91 -8.89
CA VAL A 389 -4.85 -1.18 -8.26
C VAL A 389 -5.63 -0.38 -9.29
N TYR A 390 -4.97 0.10 -10.34
CA TYR A 390 -5.56 1.11 -11.21
C TYR A 390 -5.95 0.61 -12.59
N ILE A 391 -5.16 -0.26 -13.22
CA ILE A 391 -5.44 -0.60 -14.62
C ILE A 391 -6.29 -1.86 -14.74
N ILE A 392 -6.01 -2.89 -13.95
CA ILE A 392 -6.74 -4.16 -14.09
C ILE A 392 -8.19 -4.02 -13.63
N PRO A 393 -8.50 -3.35 -12.52
CA PRO A 393 -9.93 -3.14 -12.20
C PRO A 393 -10.70 -2.40 -13.29
N SER A 394 -10.09 -1.36 -13.86
CA SER A 394 -10.78 -0.61 -14.91
C SER A 394 -10.97 -1.45 -16.16
N LEU A 395 -9.95 -2.20 -16.57
CA LEU A 395 -10.11 -3.06 -17.74
C LEU A 395 -11.14 -4.16 -17.50
N ALA A 396 -11.19 -4.70 -16.28
CA ALA A 396 -12.18 -5.72 -15.97
C ALA A 396 -13.59 -5.15 -16.05
N HIS A 397 -13.79 -3.96 -15.47
CA HIS A 397 -15.11 -3.35 -15.54
C HIS A 397 -15.48 -2.93 -16.95
N MET A 398 -14.49 -2.67 -17.82
CA MET A 398 -14.82 -2.32 -19.20
C MET A 398 -15.07 -3.56 -20.06
N LEU A 399 -14.49 -4.69 -19.69
CA LEU A 399 -14.69 -5.91 -20.48
C LEU A 399 -15.92 -6.69 -20.07
N THR A 400 -16.26 -6.72 -18.78
CA THR A 400 -17.37 -7.55 -18.35
C THR A 400 -18.73 -6.99 -18.76
N TYR A 401 -18.84 -5.70 -19.04
CA TYR A 401 -20.11 -5.05 -19.35
C TYR A 401 -20.16 -4.51 -20.77
N ARG A 402 -19.50 -5.17 -21.72
CA ARG A 402 -19.48 -4.63 -23.09
C ARG A 402 -20.80 -4.89 -23.81
N SER A 403 -21.41 -6.05 -23.58
CA SER A 403 -22.60 -6.47 -24.32
C SER A 403 -23.86 -6.02 -23.60
N ALA A 404 -24.82 -5.50 -24.35
CA ALA A 404 -26.02 -4.92 -23.77
C ALA A 404 -26.86 -5.96 -23.02
N SER A 405 -26.70 -7.25 -23.35
CA SER A 405 -27.39 -8.28 -22.58
C SER A 405 -26.87 -8.33 -21.15
N ALA A 406 -25.64 -7.90 -20.91
CA ALA A 406 -25.09 -7.81 -19.57
C ALA A 406 -25.28 -6.43 -18.95
N ARG A 407 -25.68 -5.43 -19.72
CA ARG A 407 -26.01 -4.13 -19.16
C ARG A 407 -27.49 -4.01 -18.82
N GLN A 408 -28.35 -4.83 -19.44
CA GLN A 408 -29.76 -4.81 -19.06
C GLN A 408 -30.03 -5.71 -17.86
N ASN A 409 -29.25 -6.78 -17.69
CA ASN A 409 -29.40 -7.70 -16.57
C ASN A 409 -28.29 -7.54 -15.53
N ALA A 410 -27.76 -6.34 -15.37
CA ALA A 410 -26.69 -6.12 -14.42
C ALA A 410 -27.20 -6.22 -13.00
N ALA A 411 -26.26 -6.30 -12.06
CA ALA A 411 -26.64 -6.36 -10.65
C ALA A 411 -26.84 -4.96 -10.08
N GLU A 412 -25.91 -4.06 -10.34
CA GLU A 412 -25.95 -2.69 -9.84
C GLU A 412 -25.97 -1.71 -11.01
N LYS A 413 -26.94 -0.81 -11.01
CA LYS A 413 -27.04 0.22 -12.01
C LYS A 413 -26.02 1.32 -11.73
N PRO A 414 -25.70 2.15 -12.72
CA PRO A 414 -24.76 3.25 -12.50
C PRO A 414 -25.25 4.15 -11.39
N PRO A 415 -24.34 4.64 -10.54
CA PRO A 415 -24.76 5.45 -9.39
C PRO A 415 -25.33 6.80 -9.80
N PHE A 416 -25.76 7.60 -8.83
CA PHE A 416 -26.40 8.87 -9.17
C PHE A 416 -25.38 9.89 -9.68
N PHE A 417 -24.15 9.87 -9.17
CA PHE A 417 -23.17 10.85 -9.63
C PHE A 417 -22.64 10.53 -11.02
N MET A 418 -22.89 9.33 -11.53
CA MET A 418 -22.53 8.94 -12.90
C MET A 418 -23.77 8.30 -13.52
N PRO A 419 -24.70 9.09 -14.04
CA PRO A 419 -26.01 8.54 -14.43
C PRO A 419 -26.01 7.75 -15.72
N SER A 420 -24.88 7.61 -16.42
CA SER A 420 -24.88 6.93 -17.71
C SER A 420 -23.71 5.98 -17.79
N TRP A 421 -23.82 5.00 -18.69
CA TRP A 421 -22.73 4.06 -18.91
C TRP A 421 -21.59 4.70 -19.69
N THR A 422 -21.91 5.60 -20.62
CA THR A 422 -20.87 6.27 -21.38
C THR A 422 -19.96 7.08 -20.46
N ALA A 423 -20.52 7.67 -19.40
CA ALA A 423 -19.70 8.40 -18.45
C ALA A 423 -18.66 7.49 -17.80
N MET A 424 -19.09 6.31 -17.35
CA MET A 424 -18.15 5.40 -16.69
C MET A 424 -17.11 4.88 -17.66
N TYR A 425 -17.51 4.65 -18.92
CA TYR A 425 -16.52 4.21 -19.91
C TYR A 425 -15.48 5.29 -20.19
N VAL A 426 -15.91 6.55 -20.31
CA VAL A 426 -14.97 7.63 -20.53
C VAL A 426 -14.02 7.77 -19.34
N LEU A 427 -14.56 7.68 -18.12
CA LEU A 427 -13.72 7.82 -16.95
C LEU A 427 -12.70 6.68 -16.84
N ASN A 428 -13.13 5.45 -17.14
CA ASN A 428 -12.19 4.33 -17.09
C ASN A 428 -11.11 4.45 -18.17
N ALA A 429 -11.49 4.92 -19.36
CA ALA A 429 -10.48 5.12 -20.41
C ALA A 429 -9.46 6.16 -19.99
N PHE A 430 -9.91 7.26 -19.37
CA PHE A 430 -8.96 8.25 -18.91
C PHE A 430 -8.04 7.70 -17.83
N VAL A 431 -8.59 6.93 -16.89
CA VAL A 431 -7.76 6.34 -15.84
C VAL A 431 -6.68 5.44 -16.45
N VAL A 432 -7.08 4.58 -17.40
CA VAL A 432 -6.12 3.68 -18.01
C VAL A 432 -5.03 4.46 -18.73
N VAL A 433 -5.41 5.43 -19.56
CA VAL A 433 -4.42 6.15 -20.35
C VAL A 433 -3.47 6.93 -19.44
N TRP A 434 -4.00 7.60 -18.42
CA TRP A 434 -3.15 8.39 -17.53
C TRP A 434 -2.18 7.50 -16.77
N VAL A 435 -2.68 6.46 -16.10
CA VAL A 435 -1.80 5.61 -15.31
C VAL A 435 -0.88 4.76 -16.19
N LEU A 436 -1.15 4.68 -17.49
CA LEU A 436 -0.22 3.99 -18.37
C LEU A 436 0.88 4.91 -18.89
N ILE A 437 0.58 6.19 -19.08
CA ILE A 437 1.61 7.11 -19.59
C ILE A 437 2.44 7.67 -18.45
N VAL A 438 1.80 8.24 -17.44
CA VAL A 438 2.54 8.91 -16.37
C VAL A 438 2.98 7.93 -15.29
N GLY A 439 2.06 7.08 -14.81
CA GLY A 439 2.38 6.20 -13.69
C GLY A 439 3.34 5.09 -14.02
N PHE A 440 3.54 4.78 -15.30
CA PHE A 440 4.40 3.69 -15.72
C PHE A 440 5.43 4.10 -16.75
N GLY A 441 5.09 4.98 -17.67
CA GLY A 441 6.05 5.44 -18.67
C GLY A 441 7.13 6.31 -18.09
N PHE A 442 6.76 7.52 -17.64
CA PHE A 442 7.74 8.40 -17.03
C PHE A 442 8.08 7.97 -15.62
N GLY A 443 7.09 7.54 -14.85
CA GLY A 443 7.33 7.16 -13.46
C GLY A 443 8.29 6.00 -13.33
N GLY A 444 8.10 4.96 -14.15
CA GLY A 444 8.96 3.79 -14.07
C GLY A 444 10.39 4.12 -14.45
N TRP A 445 10.58 4.83 -15.56
CA TRP A 445 11.91 5.21 -16.00
C TRP A 445 12.62 6.06 -14.96
N ALA A 446 11.93 7.07 -14.44
CA ALA A 446 12.55 7.94 -13.45
C ALA A 446 12.89 7.18 -12.17
N SER A 447 11.99 6.31 -11.71
CA SER A 447 12.24 5.58 -10.47
C SER A 447 13.39 4.61 -10.63
N VAL A 448 13.49 3.93 -11.77
CA VAL A 448 14.58 2.98 -11.96
C VAL A 448 15.92 3.70 -12.09
N THR A 449 15.93 4.88 -12.75
CA THR A 449 17.18 5.63 -12.82
C THR A 449 17.60 6.13 -11.44
N ASN A 450 16.65 6.59 -10.63
CA ASN A 450 16.99 7.01 -9.27
C ASN A 450 17.52 5.85 -8.44
N PHE A 451 16.90 4.67 -8.58
CA PHE A 451 17.36 3.50 -7.85
C PHE A 451 18.78 3.11 -8.26
N VAL A 452 19.07 3.13 -9.56
CA VAL A 452 20.40 2.78 -10.02
C VAL A 452 21.43 3.79 -9.55
N ARG A 453 21.04 5.07 -9.45
CA ARG A 453 21.98 6.04 -8.89
C ARG A 453 22.24 5.77 -7.42
N GLN A 454 21.20 5.39 -6.66
CA GLN A 454 21.42 5.01 -5.27
C GLN A 454 22.42 3.86 -5.17
N VAL A 455 22.29 2.88 -6.07
CA VAL A 455 23.21 1.75 -6.04
C VAL A 455 24.63 2.19 -6.37
N ASP A 456 24.79 2.99 -7.43
CA ASP A 456 26.13 3.43 -7.82
C ASP A 456 26.75 4.38 -6.81
N THR A 457 25.95 4.98 -5.93
CA THR A 457 26.50 5.84 -4.88
C THR A 457 26.88 5.06 -3.63
N PHE A 458 25.98 4.19 -3.15
CA PHE A 458 26.20 3.49 -1.89
C PHE A 458 26.78 2.10 -2.08
N GLY A 459 26.37 1.37 -3.11
CA GLY A 459 26.91 0.06 -3.36
C GLY A 459 26.08 -1.06 -2.77
N LEU A 460 26.38 -2.28 -3.21
CA LEU A 460 25.70 -3.45 -2.70
C LEU A 460 26.04 -3.69 -1.24
N PHE A 461 25.04 -4.12 -0.47
CA PHE A 461 25.21 -4.46 0.94
C PHE A 461 25.76 -3.26 1.72
N ALA A 462 24.96 -2.20 1.77
CA ALA A 462 25.37 -0.99 2.48
C ALA A 462 25.27 -1.19 3.98
N LYS A 463 26.30 -0.75 4.71
CA LYS A 463 26.29 -0.90 6.16
C LYS A 463 25.22 -0.02 6.79
N CYS A 464 25.31 1.29 6.59
CA CYS A 464 24.35 2.24 7.13
C CYS A 464 23.95 3.20 6.00
N TYR A 465 22.70 3.12 5.59
CA TYR A 465 22.18 3.94 4.50
C TYR A 465 21.79 5.31 5.05
N GLN A 466 22.47 6.35 4.56
CA GLN A 466 22.19 7.73 4.95
C GLN A 466 22.32 7.94 6.47
N CYS A 467 23.52 7.71 6.97
CA CYS A 467 23.83 7.89 8.37
C CYS A 467 25.05 8.79 8.49
N LYS A 468 24.98 9.75 9.41
CA LYS A 468 26.09 10.67 9.64
C LYS A 468 27.04 10.12 10.71
#